data_1PQ4
#
_entry.id   1PQ4
#
_cell.length_a   64.990
_cell.length_b   78.300
_cell.length_c   68.400
_cell.angle_alpha   90.00
_cell.angle_beta   118.32
_cell.angle_gamma   90.00
#
_symmetry.space_group_name_H-M   'P 1 21 1'
#
loop_
_entity.id
_entity.type
_entity.pdbx_description
1 polymer 'periplasmic binding protein component of an ABC type zinc uptake transporter'
2 non-polymer 'ZINC ION'
3 water water
#
_entity_poly.entity_id   1
_entity_poly.type   'polypeptide(L)'
_entity_poly.pdbx_seq_one_letter_code
;DAMDITVSIPPQQYFLEKIGGDLVRVSVLVPGNNDPHTYEPKPQQLAALSEAEAYVLIGLGFEQPWLEKLKAANANMKLI
DSAQGITPLEMEKHDHSHGEEEGHDDHSHDGHDHGSESEKEKAKGALMVADPHIWLSPTLVKRQATTIAKELAELDPDNR
DQYEANLAAFLAELERLNQELGQILQPLPQRKFIVFHPSWAYFARDYNLVQIPIEVEGQEPSAQELKQLIDTAKENNLTM
VFGETQFSTKSSEAIAAEIGAGVELLDPLAADWSSNLKAVAQKIANANSAQ
;
_entity_poly.pdbx_strand_id   A,B
#
# COMPACT_ATOMS: atom_id res chain seq x y z
N ASP A 1 -25.86 -23.31 -7.05
CA ASP A 1 -26.08 -21.87 -7.38
C ASP A 1 -25.03 -20.97 -6.76
N ALA A 2 -24.81 -21.06 -5.44
CA ALA A 2 -23.82 -20.19 -4.80
C ALA A 2 -22.37 -20.41 -5.30
N MET A 3 -21.57 -19.35 -5.24
CA MET A 3 -20.19 -19.44 -5.63
C MET A 3 -19.37 -19.98 -4.44
N ASP A 4 -18.53 -20.98 -4.69
CA ASP A 4 -17.65 -21.53 -3.65
C ASP A 4 -16.42 -20.66 -3.58
N ILE A 5 -16.17 -20.12 -2.39
CA ILE A 5 -15.04 -19.21 -2.16
C ILE A 5 -14.33 -19.66 -0.92
N THR A 6 -13.01 -19.64 -0.98
CA THR A 6 -12.22 -20.00 0.16
C THR A 6 -11.49 -18.76 0.61
N VAL A 7 -11.42 -18.61 1.93
CA VAL A 7 -10.67 -17.48 2.46
C VAL A 7 -9.60 -18.02 3.39
N SER A 8 -8.62 -17.19 3.72
CA SER A 8 -7.54 -17.62 4.60
C SER A 8 -7.91 -17.76 6.07
N ILE A 9 -8.59 -16.76 6.64
CA ILE A 9 -8.85 -16.82 8.09
C ILE A 9 -10.29 -16.55 8.43
N PRO A 10 -10.74 -17.01 9.61
CA PRO A 10 -12.13 -16.83 10.03
C PRO A 10 -12.75 -15.44 9.89
N PRO A 11 -12.02 -14.37 10.28
CA PRO A 11 -12.63 -13.03 10.13
C PRO A 11 -13.08 -12.75 8.67
N GLN A 12 -12.34 -13.31 7.72
CA GLN A 12 -12.70 -13.07 6.32
C GLN A 12 -14.02 -13.72 5.97
N GLN A 13 -14.43 -14.73 6.74
CA GLN A 13 -15.68 -15.36 6.41
C GLN A 13 -16.78 -14.36 6.78
N TYR A 14 -16.54 -13.60 7.84
CA TYR A 14 -17.51 -12.60 8.27
C TYR A 14 -17.67 -11.54 7.12
N PHE A 15 -16.55 -11.08 6.59
CA PHE A 15 -16.56 -10.08 5.52
C PHE A 15 -17.29 -10.66 4.32
N LEU A 16 -16.95 -11.89 3.95
CA LEU A 16 -17.61 -12.50 2.80
C LEU A 16 -19.10 -12.70 2.99
N GLU A 17 -19.48 -13.12 4.20
CA GLU A 17 -20.93 -13.31 4.47
C GLU A 17 -21.66 -11.97 4.32
N LYS A 18 -21.08 -10.89 4.82
CA LYS A 18 -21.71 -9.57 4.74
C LYS A 18 -21.84 -9.08 3.29
N ILE A 19 -20.82 -9.38 2.50
CA ILE A 19 -20.80 -8.90 1.11
C ILE A 19 -21.58 -9.80 0.18
N GLY A 20 -21.46 -11.10 0.40
CA GLY A 20 -22.10 -12.07 -0.50
C GLY A 20 -23.40 -12.69 -0.06
N GLY A 21 -23.58 -12.85 1.25
CA GLY A 21 -24.80 -13.46 1.75
C GLY A 21 -24.98 -14.84 1.11
N ASP A 22 -26.20 -15.17 0.69
CA ASP A 22 -26.50 -16.48 0.11
C ASP A 22 -25.89 -16.73 -1.25
N LEU A 23 -25.32 -15.71 -1.88
CA LEU A 23 -24.69 -15.91 -3.19
C LEU A 23 -23.33 -16.58 -3.12
N VAL A 24 -22.77 -16.74 -1.92
CA VAL A 24 -21.47 -17.37 -1.77
C VAL A 24 -21.55 -18.45 -0.67
N ARG A 25 -20.64 -19.40 -0.73
CA ARG A 25 -20.57 -20.46 0.27
C ARG A 25 -19.10 -20.43 0.63
N VAL A 26 -18.82 -20.10 1.87
CA VAL A 26 -17.46 -19.87 2.31
C VAL A 26 -16.78 -21.00 3.02
N SER A 27 -15.54 -21.27 2.62
CA SER A 27 -14.70 -22.28 3.28
C SER A 27 -13.53 -21.48 3.87
N VAL A 28 -12.91 -21.98 4.94
CA VAL A 28 -11.80 -21.26 5.59
C VAL A 28 -10.60 -22.19 5.74
N LEU A 29 -9.41 -21.68 5.41
CA LEU A 29 -8.19 -22.48 5.45
C LEU A 29 -7.60 -22.67 6.84
N VAL A 30 -7.40 -21.55 7.55
CA VAL A 30 -6.80 -21.58 8.89
C VAL A 30 -7.78 -21.70 10.06
N PRO A 31 -7.65 -22.75 10.89
CA PRO A 31 -8.55 -22.89 12.03
C PRO A 31 -8.42 -21.68 12.95
N GLY A 32 -9.51 -21.31 13.59
CA GLY A 32 -9.47 -20.15 14.47
C GLY A 32 -8.55 -20.26 15.67
N ASN A 33 -8.16 -21.48 16.04
CA ASN A 33 -7.27 -21.64 17.17
C ASN A 33 -5.82 -21.89 16.81
N ASN A 34 -5.45 -21.76 15.53
CA ASN A 34 -4.06 -21.97 15.12
C ASN A 34 -3.32 -20.64 14.84
N ASP A 35 -2.00 -20.64 14.98
CA ASP A 35 -1.18 -19.47 14.65
C ASP A 35 -1.14 -19.48 13.11
N PRO A 36 -1.75 -18.48 12.45
CA PRO A 36 -1.78 -18.41 10.98
C PRO A 36 -0.40 -18.25 10.36
N HIS A 37 0.51 -17.62 11.09
CA HIS A 37 1.85 -17.42 10.58
C HIS A 37 2.71 -18.68 10.38
N THR A 38 2.35 -19.77 11.03
CA THR A 38 3.12 -21.00 10.87
C THR A 38 2.21 -22.12 10.37
N TYR A 39 0.99 -21.79 9.97
CA TYR A 39 0.07 -22.81 9.49
C TYR A 39 0.48 -23.39 8.13
N GLU A 40 0.29 -24.68 7.98
CA GLU A 40 0.56 -25.28 6.68
C GLU A 40 -0.72 -26.02 6.30
N PRO A 41 -1.27 -25.71 5.13
CA PRO A 41 -2.52 -26.39 4.75
C PRO A 41 -2.42 -27.92 4.70
N LYS A 42 -3.49 -28.57 5.16
CA LYS A 42 -3.54 -30.01 5.18
C LYS A 42 -3.86 -30.56 3.79
N PRO A 43 -3.40 -31.78 3.50
CA PRO A 43 -3.69 -32.36 2.18
C PRO A 43 -5.20 -32.40 1.84
N GLN A 44 -6.05 -32.75 2.81
CA GLN A 44 -7.47 -32.80 2.55
C GLN A 44 -8.02 -31.43 2.15
N GLN A 45 -7.38 -30.37 2.65
CA GLN A 45 -7.81 -29.00 2.34
C GLN A 45 -7.41 -28.64 0.92
N LEU A 46 -6.18 -28.94 0.54
CA LEU A 46 -5.72 -28.62 -0.82
C LEU A 46 -6.61 -29.35 -1.86
N ALA A 47 -7.05 -30.58 -1.53
CA ALA A 47 -7.92 -31.34 -2.44
C ALA A 47 -9.27 -30.66 -2.57
N ALA A 48 -9.80 -30.18 -1.46
CA ALA A 48 -11.11 -29.53 -1.46
C ALA A 48 -11.08 -28.26 -2.27
N LEU A 49 -9.89 -27.69 -2.41
CA LEU A 49 -9.72 -26.44 -3.15
C LEU A 49 -10.09 -26.52 -4.61
N SER A 50 -10.15 -27.74 -5.15
CA SER A 50 -10.45 -27.87 -6.57
C SER A 50 -11.84 -27.35 -6.89
N GLU A 51 -12.73 -27.33 -5.89
CA GLU A 51 -14.12 -26.85 -6.01
C GLU A 51 -14.23 -25.31 -6.04
N ALA A 52 -13.22 -24.64 -5.49
CA ALA A 52 -13.24 -23.18 -5.35
C ALA A 52 -13.23 -22.35 -6.62
N GLU A 53 -14.12 -21.37 -6.66
CA GLU A 53 -14.16 -20.43 -7.77
C GLU A 53 -13.22 -19.26 -7.53
N ALA A 54 -13.03 -18.94 -6.26
CA ALA A 54 -12.11 -17.87 -5.91
C ALA A 54 -11.51 -18.09 -4.53
N TYR A 55 -10.43 -17.39 -4.29
CA TYR A 55 -9.75 -17.49 -3.02
C TYR A 55 -9.47 -16.05 -2.61
N VAL A 56 -9.87 -15.69 -1.40
CA VAL A 56 -9.64 -14.31 -0.96
C VAL A 56 -8.43 -14.19 -0.05
N LEU A 57 -7.39 -13.53 -0.55
CA LEU A 57 -6.15 -13.31 0.17
C LEU A 57 -6.20 -12.12 1.10
N ILE A 58 -5.55 -12.27 2.24
CA ILE A 58 -5.39 -11.10 3.11
C ILE A 58 -4.37 -10.23 2.32
N GLY A 59 -3.39 -10.88 1.71
CA GLY A 59 -2.38 -10.14 0.96
C GLY A 59 -1.20 -9.73 1.83
N LEU A 60 -0.42 -8.77 1.34
CA LEU A 60 0.75 -8.27 2.04
C LEU A 60 1.70 -9.36 2.46
N GLY A 61 1.76 -10.43 1.69
CA GLY A 61 2.65 -11.52 2.06
C GLY A 61 2.09 -12.50 3.08
N PHE A 62 0.92 -12.23 3.61
CA PHE A 62 0.35 -13.15 4.62
C PHE A 62 0.34 -14.63 4.16
N GLU A 63 -0.03 -14.86 2.92
CA GLU A 63 -0.14 -16.19 2.33
C GLU A 63 1.09 -16.69 1.56
N GLN A 64 2.14 -15.87 1.54
CA GLN A 64 3.38 -16.20 0.80
C GLN A 64 3.80 -17.68 0.91
N PRO A 65 3.78 -18.24 2.13
CA PRO A 65 4.15 -19.63 2.36
C PRO A 65 3.31 -20.71 1.65
N TRP A 66 2.05 -20.42 1.37
CA TRP A 66 1.16 -21.40 0.76
C TRP A 66 0.81 -21.03 -0.65
N LEU A 67 1.24 -19.85 -1.10
CA LEU A 67 0.82 -19.40 -2.41
C LEU A 67 1.00 -20.39 -3.58
N GLU A 68 2.20 -20.97 -3.70
CA GLU A 68 2.47 -21.91 -4.79
C GLU A 68 1.56 -23.12 -4.70
N LYS A 69 1.31 -23.57 -3.47
CA LYS A 69 0.46 -24.75 -3.26
C LYS A 69 -0.99 -24.47 -3.62
N LEU A 70 -1.48 -23.28 -3.27
CA LEU A 70 -2.86 -22.95 -3.64
C LEU A 70 -3.03 -22.96 -5.16
N LYS A 71 -2.12 -22.29 -5.86
CA LYS A 71 -2.20 -22.20 -7.33
C LYS A 71 -2.13 -23.56 -8.01
N ALA A 72 -1.27 -24.43 -7.52
CA ALA A 72 -1.14 -25.77 -8.08
C ALA A 72 -2.38 -26.60 -7.79
N ALA A 73 -3.04 -26.35 -6.66
CA ALA A 73 -4.23 -27.14 -6.32
C ALA A 73 -5.44 -26.78 -7.19
N ASN A 74 -5.46 -25.55 -7.67
CA ASN A 74 -6.56 -25.09 -8.50
C ASN A 74 -6.04 -23.93 -9.32
N ALA A 75 -5.78 -24.19 -10.59
CA ALA A 75 -5.24 -23.16 -11.46
C ALA A 75 -6.32 -22.27 -12.05
N ASN A 76 -7.57 -22.65 -11.86
CA ASN A 76 -8.65 -21.88 -12.42
C ASN A 76 -9.23 -20.84 -11.47
N MET A 77 -9.08 -21.05 -10.16
CA MET A 77 -9.64 -20.10 -9.22
C MET A 77 -8.99 -18.74 -9.22
N LYS A 78 -9.83 -17.73 -9.11
CA LYS A 78 -9.35 -16.37 -9.10
C LYS A 78 -8.76 -16.04 -7.73
N LEU A 79 -7.59 -15.45 -7.72
CA LEU A 79 -6.98 -15.00 -6.48
C LEU A 79 -7.36 -13.54 -6.27
N ILE A 80 -8.12 -13.26 -5.23
CA ILE A 80 -8.52 -11.88 -4.96
C ILE A 80 -7.60 -11.30 -3.90
N ASP A 81 -6.83 -10.28 -4.26
CA ASP A 81 -5.90 -9.66 -3.33
C ASP A 81 -6.64 -8.56 -2.57
N SER A 82 -7.08 -8.85 -1.34
CA SER A 82 -7.87 -7.84 -0.65
C SER A 82 -7.11 -6.66 -0.12
N ALA A 83 -5.79 -6.71 -0.13
CA ALA A 83 -5.00 -5.60 0.35
C ALA A 83 -4.72 -4.54 -0.73
N GLN A 84 -5.28 -4.70 -1.93
CA GLN A 84 -4.97 -3.71 -2.98
C GLN A 84 -5.19 -2.26 -2.58
N GLY A 85 -4.17 -1.45 -2.81
CA GLY A 85 -4.28 -0.03 -2.56
C GLY A 85 -3.97 0.39 -1.15
N ILE A 86 -3.74 -0.57 -0.25
CA ILE A 86 -3.49 -0.20 1.14
C ILE A 86 -2.02 0.01 1.46
N THR A 87 -1.72 1.13 2.14
CA THR A 87 -0.32 1.40 2.51
C THR A 87 -0.09 0.69 3.85
N PRO A 88 0.83 -0.27 3.90
CA PRO A 88 1.07 -0.99 5.15
C PRO A 88 2.02 -0.34 6.12
N LEU A 89 1.99 -0.88 7.35
CA LEU A 89 2.92 -0.48 8.37
C LEU A 89 4.00 -1.53 8.21
N GLU A 90 5.21 -1.26 8.67
CA GLU A 90 6.24 -2.28 8.58
C GLU A 90 6.48 -2.91 9.94
N MET A 91 6.87 -4.19 9.94
CA MET A 91 7.20 -4.87 11.18
C MET A 91 8.73 -4.89 11.15
N GLU A 92 9.32 -3.89 11.79
CA GLU A 92 10.78 -3.73 11.87
C GLU A 92 11.43 -3.43 10.53
N LYS A 93 10.69 -2.79 9.62
CA LYS A 93 11.20 -2.45 8.29
C LYS A 93 11.53 -3.73 7.51
N MET A 128 11.40 -7.32 8.93
CA MET A 128 11.60 -7.08 7.49
C MET A 128 10.33 -7.33 6.64
N VAL A 129 9.54 -6.28 6.41
CA VAL A 129 8.34 -6.47 5.64
C VAL A 129 7.12 -5.70 6.15
N ALA A 130 6.01 -5.95 5.47
CA ALA A 130 4.75 -5.32 5.78
C ALA A 130 4.03 -6.06 6.91
N ASP A 131 3.31 -5.31 7.73
CA ASP A 131 2.53 -5.90 8.82
C ASP A 131 1.25 -6.31 8.13
N PRO A 132 0.92 -7.60 8.18
CA PRO A 132 -0.29 -8.04 7.48
C PRO A 132 -1.64 -7.98 8.26
N HIS A 133 -1.61 -7.49 9.48
CA HIS A 133 -2.82 -7.56 10.31
C HIS A 133 -3.85 -6.51 10.00
N ILE A 134 -4.12 -6.32 8.71
CA ILE A 134 -5.03 -5.26 8.30
C ILE A 134 -6.52 -5.57 8.55
N TRP A 135 -6.82 -6.81 8.95
CA TRP A 135 -8.23 -7.16 9.11
C TRP A 135 -8.81 -6.71 10.44
N LEU A 136 -7.97 -6.10 11.27
CA LEU A 136 -8.45 -5.65 12.58
C LEU A 136 -8.66 -4.15 12.64
N SER A 137 -8.61 -3.49 11.47
CA SER A 137 -8.85 -2.04 11.38
C SER A 137 -10.16 -1.83 10.62
N PRO A 138 -11.23 -1.33 11.28
CA PRO A 138 -12.49 -1.13 10.52
C PRO A 138 -12.26 -0.22 9.29
N THR A 139 -11.37 0.75 9.44
CA THR A 139 -11.06 1.69 8.35
C THR A 139 -10.49 0.94 7.15
N LEU A 140 -9.51 0.08 7.39
CA LEU A 140 -8.90 -0.67 6.31
C LEU A 140 -9.85 -1.76 5.83
N VAL A 141 -10.76 -2.23 6.68
CA VAL A 141 -11.66 -3.26 6.17
C VAL A 141 -12.62 -2.67 5.14
N LYS A 142 -12.94 -1.38 5.28
CA LYS A 142 -13.75 -0.75 4.22
C LYS A 142 -13.09 -0.94 2.86
N ARG A 143 -11.79 -0.75 2.81
CA ARG A 143 -11.05 -0.95 1.54
C ARG A 143 -11.05 -2.39 1.13
N GLN A 144 -10.84 -3.32 2.09
CA GLN A 144 -10.85 -4.74 1.71
C GLN A 144 -12.20 -5.14 1.17
N ALA A 145 -13.26 -4.67 1.85
CA ALA A 145 -14.60 -5.01 1.43
C ALA A 145 -14.91 -4.50 0.01
N THR A 146 -14.50 -3.27 -0.27
CA THR A 146 -14.75 -2.69 -1.61
C THR A 146 -14.06 -3.54 -2.70
N THR A 147 -12.82 -3.93 -2.46
CA THR A 147 -12.04 -4.72 -3.41
C THR A 147 -12.73 -6.05 -3.58
N ILE A 148 -13.13 -6.67 -2.47
CA ILE A 148 -13.79 -7.96 -2.61
C ILE A 148 -15.10 -7.90 -3.41
N ALA A 149 -15.95 -6.94 -3.09
CA ALA A 149 -17.25 -6.84 -3.76
C ALA A 149 -17.02 -6.60 -5.26
N LYS A 150 -16.09 -5.69 -5.58
CA LYS A 150 -15.78 -5.38 -6.99
C LYS A 150 -15.33 -6.66 -7.69
N GLU A 151 -14.45 -7.46 -7.05
CA GLU A 151 -14.03 -8.69 -7.71
C GLU A 151 -15.12 -9.72 -7.82
N LEU A 152 -15.98 -9.82 -6.80
CA LEU A 152 -17.08 -10.81 -6.86
C LEU A 152 -18.10 -10.44 -7.96
N ALA A 153 -18.32 -9.13 -8.14
CA ALA A 153 -19.26 -8.68 -9.17
C ALA A 153 -18.71 -9.01 -10.58
N GLU A 154 -17.38 -9.05 -10.72
CA GLU A 154 -16.74 -9.40 -11.99
C GLU A 154 -16.88 -10.89 -12.25
N LEU A 155 -16.89 -11.68 -11.19
CA LEU A 155 -17.02 -13.11 -11.33
C LEU A 155 -18.46 -13.54 -11.51
N ASP A 156 -19.38 -12.73 -11.00
CA ASP A 156 -20.79 -13.11 -11.02
C ASP A 156 -21.62 -11.86 -11.34
N PRO A 157 -21.47 -11.35 -12.58
CA PRO A 157 -22.12 -10.16 -13.12
C PRO A 157 -23.61 -10.13 -12.93
N ASP A 158 -24.27 -11.29 -12.99
CA ASP A 158 -25.71 -11.30 -12.83
C ASP A 158 -26.20 -10.77 -11.49
N ASN A 159 -25.35 -10.81 -10.46
CA ASN A 159 -25.77 -10.34 -9.13
C ASN A 159 -25.04 -9.08 -8.68
N ARG A 160 -24.45 -8.40 -9.64
CA ARG A 160 -23.73 -7.19 -9.36
C ARG A 160 -24.52 -6.23 -8.48
N ASP A 161 -25.80 -6.01 -8.78
CA ASP A 161 -26.54 -5.05 -7.98
C ASP A 161 -26.62 -5.46 -6.51
N GLN A 162 -26.74 -6.76 -6.26
CA GLN A 162 -26.85 -7.24 -4.89
C GLN A 162 -25.51 -7.08 -4.16
N TYR A 163 -24.40 -7.40 -4.83
CA TYR A 163 -23.09 -7.23 -4.15
C TYR A 163 -22.86 -5.77 -3.79
N GLU A 164 -23.28 -4.86 -4.67
CA GLU A 164 -23.11 -3.42 -4.42
C GLU A 164 -23.96 -2.96 -3.26
N ALA A 165 -25.21 -3.39 -3.24
CA ALA A 165 -26.08 -2.98 -2.12
C ALA A 165 -25.52 -3.61 -0.83
N ASN A 166 -25.13 -4.89 -0.90
CA ASN A 166 -24.58 -5.52 0.34
C ASN A 166 -23.31 -4.78 0.77
N LEU A 167 -22.50 -4.34 -0.19
CA LEU A 167 -21.26 -3.63 0.17
C LEU A 167 -21.60 -2.35 0.87
N ALA A 168 -22.56 -1.64 0.29
CA ALA A 168 -22.96 -0.35 0.90
C ALA A 168 -23.44 -0.55 2.35
N ALA A 169 -24.22 -1.61 2.59
CA ALA A 169 -24.71 -1.92 3.92
C ALA A 169 -23.51 -2.17 4.83
N PHE A 170 -22.59 -3.01 4.38
CA PHE A 170 -21.42 -3.28 5.23
C PHE A 170 -20.55 -2.04 5.45
N LEU A 171 -20.32 -1.17 4.44
CA LEU A 171 -19.49 0.03 4.71
C LEU A 171 -20.14 0.94 5.77
N ALA A 172 -21.48 1.06 5.73
CA ALA A 172 -22.15 1.92 6.73
C ALA A 172 -22.03 1.31 8.14
N GLU A 173 -22.13 -0.01 8.23
CA GLU A 173 -21.96 -0.70 9.50
C GLU A 173 -20.53 -0.44 9.99
N LEU A 174 -19.57 -0.50 9.08
CA LEU A 174 -18.18 -0.27 9.50
C LEU A 174 -17.97 1.13 10.07
N GLU A 175 -18.61 2.16 9.48
CA GLU A 175 -18.44 3.52 10.00
C GLU A 175 -19.06 3.62 11.36
N ARG A 176 -20.21 2.99 11.54
CA ARG A 176 -20.89 3.01 12.84
C ARG A 176 -20.00 2.29 13.89
N LEU A 177 -19.43 1.13 13.51
CA LEU A 177 -18.53 0.41 14.41
C LEU A 177 -17.32 1.26 14.75
N ASN A 178 -16.76 1.92 13.73
CA ASN A 178 -15.61 2.78 13.95
C ASN A 178 -15.89 3.89 14.97
N GLN A 179 -17.04 4.55 14.85
CA GLN A 179 -17.43 5.61 15.79
C GLN A 179 -17.59 5.00 17.21
N GLU A 180 -18.22 3.85 17.27
CA GLU A 180 -18.47 3.17 18.54
C GLU A 180 -17.15 2.83 19.23
N LEU A 181 -16.20 2.24 18.49
CA LEU A 181 -14.90 1.90 19.10
C LEU A 181 -14.16 3.16 19.53
N GLY A 182 -14.24 4.21 18.73
CA GLY A 182 -13.59 5.46 19.09
C GLY A 182 -14.17 6.05 20.38
N GLN A 183 -15.47 5.91 20.58
CA GLN A 183 -16.11 6.44 21.79
C GLN A 183 -15.60 5.67 23.03
N ILE A 184 -15.51 4.37 22.90
CA ILE A 184 -15.00 3.52 23.99
C ILE A 184 -13.55 3.88 24.32
N LEU A 185 -12.70 4.08 23.31
CA LEU A 185 -11.28 4.31 23.57
C LEU A 185 -10.77 5.74 23.70
N GLN A 186 -11.48 6.74 23.20
CA GLN A 186 -10.87 8.07 23.29
C GLN A 186 -10.59 8.66 24.68
N PRO A 187 -11.41 8.35 25.71
CA PRO A 187 -11.14 8.94 27.03
C PRO A 187 -10.04 8.32 27.89
N LEU A 188 -9.47 7.20 27.49
CA LEU A 188 -8.43 6.59 28.30
C LEU A 188 -7.20 7.46 28.49
N PRO A 189 -6.75 7.63 29.74
CA PRO A 189 -5.54 8.46 29.95
C PRO A 189 -4.35 7.58 29.64
N GLN A 190 -4.49 6.27 29.85
CA GLN A 190 -3.43 5.30 29.61
C GLN A 190 -3.69 4.76 28.20
N ARG A 191 -2.75 4.99 27.32
CA ARG A 191 -2.95 4.56 25.93
C ARG A 191 -2.21 3.28 25.58
N LYS A 192 -1.40 2.82 26.51
CA LYS A 192 -0.58 1.64 26.27
C LYS A 192 -1.23 0.33 26.69
N PHE A 193 -1.00 -0.76 25.93
CA PHE A 193 -1.52 -2.10 26.36
C PHE A 193 -0.46 -3.13 25.96
N ILE A 194 -0.31 -4.16 26.78
CA ILE A 194 0.70 -5.20 26.50
C ILE A 194 -0.01 -6.42 26.02
N VAL A 195 0.51 -7.02 24.95
CA VAL A 195 -0.08 -8.19 24.36
C VAL A 195 1.06 -9.12 24.03
N PHE A 196 0.73 -10.37 23.84
CA PHE A 196 1.80 -11.28 23.53
C PHE A 196 2.20 -11.10 22.07
N HIS A 197 1.27 -11.45 21.17
CA HIS A 197 1.57 -11.39 19.72
C HIS A 197 1.03 -10.06 19.17
N PRO A 198 1.89 -9.29 18.47
CA PRO A 198 1.49 -7.99 17.94
C PRO A 198 0.59 -8.05 16.73
N SER A 199 -0.65 -8.36 16.93
CA SER A 199 -1.50 -8.34 15.75
C SER A 199 -2.35 -7.08 15.73
N TRP A 200 -2.10 -6.16 16.65
CA TRP A 200 -3.00 -5.00 16.77
C TRP A 200 -2.41 -3.65 16.35
N ALA A 201 -1.37 -3.64 15.52
CA ALA A 201 -0.76 -2.33 15.17
C ALA A 201 -1.73 -1.41 14.39
N TYR A 202 -2.53 -1.97 13.47
CA TYR A 202 -3.43 -1.11 12.70
C TYR A 202 -4.56 -0.61 13.59
N PHE A 203 -5.08 -1.53 14.40
CA PHE A 203 -6.17 -1.19 15.33
C PHE A 203 -5.65 -0.09 16.23
N ALA A 204 -4.43 -0.26 16.70
CA ALA A 204 -3.85 0.71 17.61
C ALA A 204 -3.65 2.10 16.94
N ARG A 205 -3.22 2.08 15.68
CA ARG A 205 -3.02 3.35 14.98
C ARG A 205 -4.37 4.05 14.85
N ASP A 206 -5.39 3.28 14.50
CA ASP A 206 -6.73 3.86 14.31
C ASP A 206 -7.25 4.61 15.53
N TYR A 207 -7.01 4.04 16.70
CA TYR A 207 -7.52 4.59 17.95
C TYR A 207 -6.48 5.18 18.86
N ASN A 208 -5.32 5.50 18.31
CA ASN A 208 -4.28 6.16 19.10
C ASN A 208 -3.90 5.43 20.38
N LEU A 209 -3.61 4.15 20.25
CA LEU A 209 -3.19 3.32 21.37
C LEU A 209 -1.76 2.96 21.02
N VAL A 210 -1.04 2.44 22.01
CA VAL A 210 0.33 2.03 21.84
C VAL A 210 0.35 0.56 22.21
N GLN A 211 0.66 -0.29 21.25
CA GLN A 211 0.69 -1.71 21.52
C GLN A 211 2.10 -2.05 21.96
N ILE A 212 2.26 -2.74 23.08
CA ILE A 212 3.59 -3.11 23.58
C ILE A 212 3.60 -4.64 23.48
N PRO A 213 4.37 -5.18 22.54
CA PRO A 213 4.37 -6.63 22.42
C PRO A 213 5.38 -7.33 23.27
N ILE A 214 5.04 -8.55 23.67
CA ILE A 214 5.94 -9.38 24.47
C ILE A 214 6.79 -10.24 23.51
N GLU A 215 6.16 -10.89 22.53
CA GLU A 215 6.95 -11.71 21.61
C GLU A 215 7.95 -10.84 20.86
N VAL A 216 9.08 -11.43 20.51
CA VAL A 216 10.10 -10.71 19.75
C VAL A 216 10.43 -11.53 18.52
N GLU A 217 10.26 -10.95 17.34
CA GLU A 217 10.54 -11.65 16.11
C GLU A 217 9.90 -13.03 16.08
N GLY A 218 8.62 -13.09 16.44
CA GLY A 218 7.92 -14.36 16.44
C GLY A 218 8.48 -15.33 17.47
N GLN A 219 9.26 -14.81 18.40
CA GLN A 219 9.86 -15.66 19.43
C GLN A 219 9.59 -15.24 20.89
N GLU A 220 9.57 -16.22 21.78
CA GLU A 220 9.38 -16.00 23.20
C GLU A 220 10.46 -15.01 23.66
N PRO A 221 10.18 -14.19 24.69
CA PRO A 221 11.18 -13.23 25.14
C PRO A 221 12.39 -13.87 25.84
N SER A 222 13.52 -13.15 25.81
CA SER A 222 14.74 -13.59 26.50
C SER A 222 14.43 -13.43 27.98
N ALA A 223 15.30 -13.95 28.84
CA ALA A 223 15.07 -13.82 30.26
C ALA A 223 15.27 -12.35 30.63
N GLN A 224 16.21 -11.70 29.95
CA GLN A 224 16.50 -10.29 30.18
C GLN A 224 15.32 -9.45 29.70
N GLU A 225 14.99 -9.61 28.43
CA GLU A 225 13.89 -8.90 27.81
C GLU A 225 12.63 -8.98 28.67
N LEU A 226 12.35 -10.18 29.16
CA LEU A 226 11.19 -10.39 30.00
C LEU A 226 11.21 -9.41 31.17
N LYS A 227 12.37 -9.28 31.80
CA LYS A 227 12.52 -8.37 32.93
C LYS A 227 12.32 -6.95 32.46
N GLN A 228 13.05 -6.59 31.41
CA GLN A 228 12.96 -5.24 30.85
C GLN A 228 11.49 -4.91 30.55
N LEU A 229 10.78 -5.90 30.02
CA LEU A 229 9.38 -5.76 29.70
C LEU A 229 8.61 -5.58 30.99
N ILE A 230 9.04 -6.29 32.03
CA ILE A 230 8.39 -6.17 33.34
C ILE A 230 8.53 -4.75 33.90
N ASP A 231 9.73 -4.18 33.79
CA ASP A 231 9.98 -2.83 34.27
C ASP A 231 9.11 -1.86 33.49
N THR A 232 9.20 -1.93 32.16
CA THR A 232 8.39 -1.12 31.26
C THR A 232 6.95 -1.08 31.73
N ALA A 233 6.43 -2.26 32.03
CA ALA A 233 5.06 -2.42 32.47
C ALA A 233 4.84 -1.82 33.86
N LYS A 234 5.86 -1.92 34.71
CA LYS A 234 5.76 -1.36 36.06
C LYS A 234 5.78 0.16 35.94
N GLU A 235 6.75 0.68 35.20
CA GLU A 235 6.90 2.13 35.03
C GLU A 235 5.71 2.81 34.36
N ASN A 236 4.78 2.02 33.82
CA ASN A 236 3.59 2.56 33.16
C ASN A 236 2.32 2.17 33.89
N ASN A 237 2.46 1.61 35.08
CA ASN A 237 1.30 1.20 35.86
C ASN A 237 0.27 0.34 35.10
N LEU A 238 0.71 -0.56 34.23
CA LEU A 238 -0.26 -1.37 33.49
C LEU A 238 -1.03 -2.34 34.42
N THR A 239 -2.33 -2.43 34.20
CA THR A 239 -3.25 -3.21 35.01
C THR A 239 -3.60 -4.61 34.53
N MET A 240 -3.31 -4.88 33.27
CA MET A 240 -3.70 -6.13 32.70
C MET A 240 -2.71 -6.53 31.65
N VAL A 241 -2.56 -7.82 31.44
CA VAL A 241 -1.64 -8.27 30.41
C VAL A 241 -2.49 -9.14 29.50
N PHE A 242 -2.42 -8.90 28.20
CA PHE A 242 -3.24 -9.68 27.30
C PHE A 242 -2.43 -10.76 26.62
N GLY A 243 -3.09 -11.87 26.38
CA GLY A 243 -2.46 -12.97 25.66
C GLY A 243 -3.43 -13.27 24.54
N GLU A 244 -3.08 -14.20 23.69
CA GLU A 244 -3.95 -14.53 22.57
C GLU A 244 -4.17 -16.03 22.61
N THR A 245 -5.36 -16.47 22.20
CA THR A 245 -5.70 -17.90 22.24
C THR A 245 -4.81 -18.77 21.41
N GLN A 246 -4.29 -18.23 20.31
CA GLN A 246 -3.46 -19.03 19.40
C GLN A 246 -2.03 -19.19 19.85
N PHE A 247 -1.63 -18.52 20.93
CA PHE A 247 -0.25 -18.63 21.39
C PHE A 247 -0.27 -18.94 22.87
N SER A 248 0.83 -19.49 23.36
CA SER A 248 0.93 -19.82 24.77
C SER A 248 0.79 -18.51 25.55
N THR A 249 0.10 -18.55 26.69
CA THR A 249 -0.02 -17.34 27.50
C THR A 249 0.96 -17.39 28.66
N LYS A 250 1.88 -18.37 28.63
CA LYS A 250 2.84 -18.53 29.72
C LYS A 250 3.59 -17.25 30.10
N SER A 251 4.17 -16.52 29.14
CA SER A 251 4.86 -15.31 29.57
C SER A 251 3.95 -14.16 29.97
N SER A 252 2.75 -14.08 29.41
CA SER A 252 1.82 -13.03 29.80
C SER A 252 1.47 -13.26 31.27
N GLU A 253 1.27 -14.53 31.63
CA GLU A 253 0.91 -14.90 33.01
C GLU A 253 2.04 -14.60 33.98
N ALA A 254 3.27 -14.85 33.57
CA ALA A 254 4.41 -14.60 34.46
C ALA A 254 4.55 -13.12 34.65
N ILE A 255 4.38 -12.35 33.58
CA ILE A 255 4.49 -10.91 33.70
C ILE A 255 3.41 -10.37 34.58
N ALA A 256 2.18 -10.85 34.39
CA ALA A 256 1.08 -10.35 35.18
C ALA A 256 1.33 -10.64 36.66
N ALA A 257 1.86 -11.82 36.96
CA ALA A 257 2.11 -12.17 38.37
C ALA A 257 3.19 -11.30 38.98
N GLU A 258 4.17 -10.93 38.16
CA GLU A 258 5.28 -10.10 38.63
C GLU A 258 5.02 -8.63 38.78
N ILE A 259 4.13 -8.07 37.95
CA ILE A 259 3.86 -6.64 38.04
C ILE A 259 2.51 -6.32 38.63
N GLY A 260 1.84 -7.31 39.23
CA GLY A 260 0.56 -7.04 39.84
C GLY A 260 -0.62 -6.76 38.94
N ALA A 261 -0.74 -7.49 37.82
CA ALA A 261 -1.86 -7.32 36.87
C ALA A 261 -2.70 -8.60 36.70
N GLY A 262 -3.80 -8.49 35.95
CA GLY A 262 -4.64 -9.64 35.64
C GLY A 262 -4.30 -10.13 34.20
N VAL A 263 -4.89 -11.22 33.72
CA VAL A 263 -4.61 -11.79 32.39
C VAL A 263 -5.88 -11.99 31.57
N GLU A 264 -5.96 -11.36 30.40
CA GLU A 264 -7.18 -11.52 29.56
C GLU A 264 -6.75 -11.99 28.18
N LEU A 265 -7.67 -12.62 27.46
CA LEU A 265 -7.41 -13.11 26.13
C LEU A 265 -7.98 -12.17 25.08
N LEU A 266 -7.23 -11.97 24.00
CA LEU A 266 -7.77 -11.17 22.89
C LEU A 266 -7.70 -12.21 21.76
N ASP A 267 -8.68 -12.24 20.89
CA ASP A 267 -8.67 -13.22 19.82
C ASP A 267 -8.60 -12.49 18.47
N PRO A 268 -7.42 -12.40 17.88
CA PRO A 268 -7.34 -11.69 16.58
C PRO A 268 -8.04 -12.45 15.43
N LEU A 269 -8.36 -13.74 15.64
CA LEU A 269 -8.98 -14.56 14.59
C LEU A 269 -10.45 -14.90 14.79
N ALA A 270 -11.10 -14.19 15.70
CA ALA A 270 -12.53 -14.44 15.95
C ALA A 270 -13.36 -14.27 14.66
N ALA A 271 -14.29 -15.20 14.41
CA ALA A 271 -15.15 -15.11 13.23
C ALA A 271 -16.28 -14.09 13.46
N ASP A 272 -16.66 -13.87 14.72
CA ASP A 272 -17.78 -12.94 15.07
C ASP A 272 -17.04 -11.64 15.19
N TRP A 273 -16.52 -11.19 14.05
CA TRP A 273 -15.61 -10.05 13.97
C TRP A 273 -16.01 -8.74 14.60
N SER A 274 -17.22 -8.30 14.34
CA SER A 274 -17.66 -7.01 14.87
C SER A 274 -17.84 -7.03 16.40
N SER A 275 -18.54 -8.02 16.91
CA SER A 275 -18.71 -8.09 18.36
C SER A 275 -17.38 -8.37 19.03
N ASN A 276 -16.49 -9.14 18.39
CA ASN A 276 -15.16 -9.37 19.01
C ASN A 276 -14.39 -8.07 19.13
N LEU A 277 -14.41 -7.23 18.08
CA LEU A 277 -13.66 -5.97 18.15
C LEU A 277 -14.20 -5.07 19.28
N LYS A 278 -15.51 -5.07 19.48
CA LYS A 278 -16.06 -4.25 20.56
C LYS A 278 -15.63 -4.82 21.90
N ALA A 279 -15.61 -6.15 22.03
CA ALA A 279 -15.16 -6.75 23.30
C ALA A 279 -13.70 -6.38 23.53
N VAL A 280 -12.89 -6.39 22.45
CA VAL A 280 -11.47 -6.04 22.60
C VAL A 280 -11.29 -4.64 23.11
N ALA A 281 -12.05 -3.72 22.54
CA ALA A 281 -11.95 -2.33 22.95
C ALA A 281 -12.38 -2.17 24.43
N GLN A 282 -13.47 -2.84 24.81
CA GLN A 282 -13.93 -2.77 26.20
C GLN A 282 -12.88 -3.37 27.15
N LYS A 283 -12.24 -4.47 26.72
CA LYS A 283 -11.18 -5.04 27.55
C LYS A 283 -10.04 -4.10 27.76
N ILE A 284 -9.68 -3.40 26.69
CA ILE A 284 -8.58 -2.47 26.81
C ILE A 284 -8.99 -1.30 27.69
N ALA A 285 -10.20 -0.81 27.47
CA ALA A 285 -10.67 0.31 28.28
C ALA A 285 -10.72 -0.11 29.77
N ASN A 286 -11.22 -1.30 30.05
CA ASN A 286 -11.31 -1.74 31.44
C ASN A 286 -9.96 -1.81 32.09
N ALA A 287 -8.95 -2.17 31.32
CA ALA A 287 -7.62 -2.31 31.85
C ALA A 287 -6.90 -1.01 32.09
N ASN A 288 -7.21 0.03 31.32
CA ASN A 288 -6.48 1.28 31.51
C ASN A 288 -7.24 2.19 32.43
N SER A 289 -8.39 1.68 32.90
CA SER A 289 -9.25 2.43 33.78
C SER A 289 -8.81 2.24 35.21
N ASP B 1 -7.25 3.99 -37.11
CA ASP B 1 -7.36 2.54 -36.80
C ASP B 1 -6.86 2.31 -35.36
N ALA B 2 -5.91 3.13 -34.92
CA ALA B 2 -5.37 3.02 -33.57
C ALA B 2 -6.38 3.44 -32.51
N MET B 3 -6.23 2.93 -31.29
CA MET B 3 -7.09 3.36 -30.20
C MET B 3 -6.56 4.64 -29.56
N ASP B 4 -7.46 5.58 -29.27
CA ASP B 4 -7.11 6.85 -28.62
C ASP B 4 -7.10 6.54 -27.13
N ILE B 5 -5.94 6.79 -26.52
CA ILE B 5 -5.77 6.53 -25.11
C ILE B 5 -5.23 7.81 -24.50
N THR B 6 -5.70 8.14 -23.31
CA THR B 6 -5.16 9.33 -22.65
C THR B 6 -4.46 8.83 -21.42
N VAL B 7 -3.38 9.50 -21.03
CA VAL B 7 -2.70 9.06 -19.83
C VAL B 7 -2.51 10.32 -19.03
N SER B 8 -2.22 10.18 -17.73
CA SER B 8 -2.05 11.38 -16.90
C SER B 8 -0.77 12.18 -17.11
N ILE B 9 0.39 11.50 -17.16
CA ILE B 9 1.64 12.24 -17.23
C ILE B 9 2.56 11.78 -18.36
N PRO B 10 3.53 12.65 -18.80
CA PRO B 10 4.42 12.29 -19.92
C PRO B 10 5.12 10.93 -19.87
N PRO B 11 5.69 10.53 -18.71
CA PRO B 11 6.37 9.22 -18.67
C PRO B 11 5.43 8.11 -19.13
N GLN B 12 4.14 8.21 -18.84
CA GLN B 12 3.23 7.17 -19.25
C GLN B 12 3.10 7.03 -20.77
N GLN B 13 3.36 8.12 -21.49
CA GLN B 13 3.31 8.08 -22.95
C GLN B 13 4.47 7.16 -23.42
N TYR B 14 5.60 7.20 -22.73
CA TYR B 14 6.71 6.31 -23.06
C TYR B 14 6.26 4.85 -22.85
N PHE B 15 5.59 4.59 -21.73
CA PHE B 15 5.16 3.20 -21.46
C PHE B 15 4.15 2.73 -22.52
N LEU B 16 3.17 3.57 -22.83
CA LEU B 16 2.17 3.16 -23.81
C LEU B 16 2.77 2.96 -25.21
N GLU B 17 3.75 3.79 -25.58
CA GLU B 17 4.37 3.67 -26.91
C GLU B 17 5.08 2.30 -27.00
N LYS B 18 5.74 1.90 -25.92
CA LYS B 18 6.45 0.62 -25.82
C LYS B 18 5.49 -0.59 -25.87
N ILE B 19 4.37 -0.48 -25.17
CA ILE B 19 3.43 -1.58 -25.12
C ILE B 19 2.48 -1.64 -26.31
N GLY B 20 2.03 -0.46 -26.77
CA GLY B 20 1.05 -0.44 -27.83
C GLY B 20 1.59 -0.10 -29.19
N GLY B 21 2.67 0.66 -29.24
CA GLY B 21 3.22 1.02 -30.54
C GLY B 21 2.15 1.65 -31.42
N ASP B 22 2.08 1.24 -32.68
CA ASP B 22 1.13 1.84 -33.61
C ASP B 22 -0.33 1.53 -33.38
N LEU B 23 -0.59 0.65 -32.43
CA LEU B 23 -1.97 0.26 -32.14
C LEU B 23 -2.68 1.26 -31.27
N VAL B 24 -1.91 2.17 -30.67
CA VAL B 24 -2.48 3.20 -29.82
C VAL B 24 -2.02 4.60 -30.25
N ARG B 25 -2.76 5.63 -29.83
CA ARG B 25 -2.41 7.02 -30.13
C ARG B 25 -2.62 7.69 -28.77
N VAL B 26 -1.54 8.20 -28.20
CA VAL B 26 -1.58 8.75 -26.85
C VAL B 26 -1.59 10.27 -26.69
N SER B 27 -2.47 10.74 -25.80
CA SER B 27 -2.55 12.13 -25.42
C SER B 27 -2.20 12.16 -23.92
N VAL B 28 -1.53 13.21 -23.50
CA VAL B 28 -1.11 13.35 -22.11
C VAL B 28 -1.91 14.47 -21.49
N LEU B 29 -2.49 14.22 -20.31
CA LEU B 29 -3.29 15.25 -19.66
C LEU B 29 -2.48 16.37 -19.01
N VAL B 30 -1.46 16.00 -18.25
CA VAL B 30 -0.65 16.98 -17.55
C VAL B 30 0.62 17.33 -18.27
N PRO B 31 0.84 18.62 -18.59
CA PRO B 31 2.05 19.08 -19.28
C PRO B 31 3.27 18.78 -18.37
N GLY B 32 4.40 18.44 -18.97
CA GLY B 32 5.55 18.12 -18.15
C GLY B 32 6.15 19.25 -17.34
N ASN B 33 5.71 20.48 -17.53
CA ASN B 33 6.32 21.57 -16.79
C ASN B 33 5.45 22.03 -15.64
N ASN B 34 4.36 21.32 -15.44
CA ASN B 34 3.43 21.64 -14.37
C ASN B 34 3.57 20.68 -13.18
N ASP B 35 3.27 21.17 -11.98
CA ASP B 35 3.27 20.32 -10.81
C ASP B 35 1.99 19.53 -10.97
N PRO B 36 2.10 18.21 -11.15
CA PRO B 36 0.91 17.39 -11.32
C PRO B 36 -0.02 17.32 -10.11
N HIS B 37 0.49 17.60 -8.91
CA HIS B 37 -0.35 17.46 -7.72
C HIS B 37 -1.35 18.59 -7.51
N THR B 38 -1.18 19.69 -8.23
CA THR B 38 -2.12 20.80 -8.08
C THR B 38 -2.72 21.14 -9.43
N TYR B 39 -2.50 20.29 -10.41
CA TYR B 39 -2.99 20.54 -11.76
C TYR B 39 -4.50 20.40 -11.85
N GLU B 40 -5.11 21.29 -12.64
CA GLU B 40 -6.55 21.26 -12.85
C GLU B 40 -6.70 21.18 -14.34
N PRO B 41 -7.25 20.08 -14.83
CA PRO B 41 -7.43 19.91 -16.28
C PRO B 41 -8.27 21.02 -16.93
N LYS B 42 -7.83 21.47 -18.10
CA LYS B 42 -8.49 22.52 -18.88
C LYS B 42 -9.90 22.05 -19.34
N PRO B 43 -10.84 23.01 -19.50
CA PRO B 43 -12.20 22.66 -19.92
C PRO B 43 -12.08 21.93 -21.23
N GLN B 44 -11.17 22.45 -22.05
CA GLN B 44 -10.92 21.90 -23.36
C GLN B 44 -10.27 20.55 -23.40
N GLN B 45 -9.47 20.20 -22.39
CA GLN B 45 -8.85 18.88 -22.40
C GLN B 45 -9.93 17.89 -22.09
N LEU B 46 -10.83 18.30 -21.20
CA LEU B 46 -11.90 17.39 -20.82
C LEU B 46 -12.75 17.11 -22.04
N ALA B 47 -12.86 18.10 -22.90
CA ALA B 47 -13.66 17.93 -24.11
C ALA B 47 -13.06 16.83 -24.97
N ALA B 48 -11.75 16.85 -25.15
CA ALA B 48 -11.12 15.84 -26.00
C ALA B 48 -11.31 14.43 -25.46
N LEU B 49 -11.60 14.29 -24.17
CA LEU B 49 -11.78 12.95 -23.62
C LEU B 49 -12.94 12.18 -24.22
N SER B 50 -13.88 12.90 -24.83
CA SER B 50 -15.01 12.19 -25.39
C SER B 50 -14.56 11.22 -26.49
N GLU B 51 -13.37 11.44 -27.06
CA GLU B 51 -12.90 10.53 -28.11
C GLU B 51 -11.99 9.42 -27.56
N ALA B 52 -11.70 9.44 -26.27
CA ALA B 52 -10.80 8.44 -25.73
C ALA B 52 -11.44 7.07 -25.52
N GLU B 53 -10.72 6.00 -25.79
CA GLU B 53 -11.25 4.68 -25.53
C GLU B 53 -10.81 4.22 -24.15
N ALA B 54 -9.71 4.74 -23.64
CA ALA B 54 -9.29 4.32 -22.31
C ALA B 54 -8.44 5.41 -21.72
N TYR B 55 -8.38 5.44 -20.39
CA TYR B 55 -7.56 6.44 -19.68
C TYR B 55 -6.65 5.60 -18.78
N VAL B 56 -5.36 5.84 -18.82
CA VAL B 56 -4.46 5.05 -18.00
C VAL B 56 -4.10 5.86 -16.79
N LEU B 57 -4.61 5.41 -15.65
CA LEU B 57 -4.31 6.08 -14.38
C LEU B 57 -2.97 5.60 -13.76
N ILE B 58 -2.31 6.51 -13.05
CA ILE B 58 -1.12 6.18 -12.27
C ILE B 58 -1.74 5.39 -11.06
N GLY B 59 -2.89 5.85 -10.58
CA GLY B 59 -3.58 5.20 -9.47
C GLY B 59 -3.06 5.71 -8.13
N LEU B 60 -3.37 4.97 -7.08
CA LEU B 60 -2.94 5.33 -5.75
C LEU B 60 -3.35 6.75 -5.37
N GLY B 61 -4.48 7.17 -5.91
CA GLY B 61 -4.96 8.49 -5.56
C GLY B 61 -4.38 9.64 -6.32
N PHE B 62 -3.44 9.34 -7.21
CA PHE B 62 -2.81 10.39 -7.99
C PHE B 62 -3.82 11.28 -8.70
N GLU B 63 -4.83 10.67 -9.30
CA GLU B 63 -5.84 11.38 -10.07
C GLU B 63 -7.07 11.78 -9.25
N GLN B 64 -7.08 11.43 -7.95
CA GLN B 64 -8.20 11.72 -7.04
C GLN B 64 -8.93 13.04 -7.32
N PRO B 65 -8.20 14.15 -7.40
CA PRO B 65 -8.84 15.44 -7.66
C PRO B 65 -9.67 15.57 -8.95
N TRP B 66 -9.29 14.85 -10.01
CA TRP B 66 -10.01 14.98 -11.26
C TRP B 66 -10.83 13.78 -11.63
N LEU B 67 -10.86 12.74 -10.79
CA LEU B 67 -11.56 11.53 -11.18
C LEU B 67 -12.97 11.72 -11.67
N GLU B 68 -13.78 12.41 -10.87
CA GLU B 68 -15.16 12.65 -11.21
C GLU B 68 -15.29 13.36 -12.55
N LYS B 69 -14.43 14.33 -12.82
CA LYS B 69 -14.49 15.04 -14.10
C LYS B 69 -14.16 14.14 -15.27
N LEU B 70 -13.21 13.22 -15.09
CA LEU B 70 -12.88 12.29 -16.16
C LEU B 70 -14.06 11.41 -16.47
N LYS B 71 -14.66 10.84 -15.42
CA LYS B 71 -15.76 9.95 -15.63
C LYS B 71 -16.98 10.63 -16.25
N ALA B 72 -17.17 11.91 -15.95
CA ALA B 72 -18.34 12.61 -16.51
C ALA B 72 -18.03 13.05 -17.92
N ALA B 73 -16.75 13.27 -18.19
CA ALA B 73 -16.37 13.70 -19.55
C ALA B 73 -16.61 12.59 -20.57
N ASN B 74 -16.51 11.33 -20.16
CA ASN B 74 -16.69 10.19 -21.08
C ASN B 74 -16.96 8.97 -20.23
N ALA B 75 -18.23 8.63 -20.14
CA ALA B 75 -18.65 7.51 -19.31
C ALA B 75 -18.33 6.17 -19.92
N ASN B 76 -17.94 6.15 -21.19
CA ASN B 76 -17.61 4.88 -21.82
C ASN B 76 -16.14 4.53 -21.85
N MET B 77 -15.27 5.48 -21.58
CA MET B 77 -13.87 5.13 -21.62
C MET B 77 -13.54 4.27 -20.41
N LYS B 78 -12.72 3.25 -20.65
CA LYS B 78 -12.28 2.34 -19.59
C LYS B 78 -11.17 3.00 -18.80
N LEU B 79 -11.26 2.89 -17.49
CA LEU B 79 -10.22 3.45 -16.63
C LEU B 79 -9.34 2.28 -16.32
N ILE B 80 -8.05 2.39 -16.63
CA ILE B 80 -7.09 1.30 -16.37
C ILE B 80 -6.24 1.76 -15.19
N ASP B 81 -6.35 1.04 -14.08
CA ASP B 81 -5.61 1.41 -12.87
C ASP B 81 -4.29 0.67 -12.94
N SER B 82 -3.26 1.38 -13.35
CA SER B 82 -1.94 0.75 -13.53
C SER B 82 -1.20 0.40 -12.22
N ALA B 83 -1.73 0.84 -11.06
CA ALA B 83 -1.10 0.55 -9.77
C ALA B 83 -1.55 -0.78 -9.19
N GLN B 84 -2.36 -1.51 -9.93
CA GLN B 84 -2.87 -2.77 -9.42
C GLN B 84 -1.76 -3.73 -8.98
N GLY B 85 -1.88 -4.26 -7.78
CA GLY B 85 -0.88 -5.20 -7.33
C GLY B 85 0.41 -4.58 -6.83
N ILE B 86 0.45 -3.26 -6.65
CA ILE B 86 1.69 -2.70 -6.16
C ILE B 86 1.49 -2.28 -4.71
N THR B 87 2.44 -2.60 -3.83
CA THR B 87 2.30 -2.23 -2.43
C THR B 87 2.95 -0.87 -2.29
N PRO B 88 2.16 0.15 -1.94
CA PRO B 88 2.77 1.48 -1.84
C PRO B 88 3.57 1.74 -0.61
N LEU B 89 4.42 2.77 -0.74
CA LEU B 89 5.20 3.28 0.37
C LEU B 89 4.30 4.39 0.90
N GLU B 90 4.51 4.80 2.15
CA GLU B 90 3.72 5.89 2.71
C GLU B 90 4.35 7.21 2.25
N MET B 91 3.55 8.23 1.94
CA MET B 91 4.06 9.52 1.48
C MET B 91 4.63 10.28 2.66
N GLU B 92 5.74 10.99 2.43
CA GLU B 92 6.39 11.80 3.46
C GLU B 92 7.79 12.15 2.99
N LYS B 93 8.75 12.02 3.90
CA LYS B 93 10.14 12.28 3.57
C LYS B 93 10.66 10.94 3.08
N HIS B 94 11.40 10.95 1.97
CA HIS B 94 12.01 9.74 1.39
C HIS B 94 11.20 8.42 1.22
N ASP B 95 10.40 8.02 2.21
CA ASP B 95 9.66 6.76 2.11
C ASP B 95 8.76 6.51 3.32
N GLU B 121 -18.68 4.49 -0.28
CA GLU B 121 -19.79 4.81 0.62
C GLU B 121 -19.34 4.84 2.08
N LYS B 122 -18.04 5.09 2.28
CA LYS B 122 -17.41 5.20 3.61
C LYS B 122 -15.88 5.31 3.45
N ALA B 123 -15.21 5.86 4.46
CA ALA B 123 -13.76 6.01 4.38
C ALA B 123 -12.97 6.28 5.66
N LYS B 124 -12.78 7.56 5.95
CA LYS B 124 -11.98 8.02 7.09
C LYS B 124 -10.62 8.25 6.41
N GLY B 125 -10.69 8.50 5.10
CA GLY B 125 -9.52 8.74 4.26
C GLY B 125 -8.50 7.62 4.41
N ALA B 126 -9.00 6.39 4.60
CA ALA B 126 -8.13 5.22 4.82
C ALA B 126 -7.17 5.59 5.94
N LEU B 127 -6.07 4.86 6.06
CA LEU B 127 -5.11 5.16 7.11
C LEU B 127 -4.06 6.12 6.59
N MET B 128 -3.03 5.59 5.96
CA MET B 128 -1.93 6.41 5.47
C MET B 128 -1.98 6.80 4.00
N VAL B 129 -1.36 7.93 3.67
CA VAL B 129 -1.39 8.40 2.28
C VAL B 129 -0.33 7.66 1.49
N ALA B 130 -0.75 7.08 0.36
CA ALA B 130 0.19 6.32 -0.46
C ALA B 130 1.05 7.30 -1.26
N ASP B 131 2.31 6.96 -1.47
CA ASP B 131 3.20 7.83 -2.29
C ASP B 131 2.87 7.31 -3.69
N PRO B 132 2.40 8.18 -4.59
CA PRO B 132 2.01 7.73 -5.92
C PRO B 132 3.15 7.71 -6.94
N HIS B 133 4.36 8.04 -6.54
CA HIS B 133 5.46 8.18 -7.52
C HIS B 133 6.07 6.85 -8.00
N ILE B 134 5.19 5.92 -8.39
CA ILE B 134 5.63 4.59 -8.77
C ILE B 134 6.24 4.47 -10.17
N TRP B 135 6.10 5.52 -10.97
CA TRP B 135 6.62 5.48 -12.36
C TRP B 135 8.14 5.70 -12.46
N LEU B 136 8.80 5.99 -11.34
CA LEU B 136 10.23 6.21 -11.38
C LEU B 136 11.02 4.99 -10.88
N SER B 137 10.33 3.87 -10.73
CA SER B 137 10.94 2.62 -10.30
C SER B 137 10.85 1.61 -11.47
N PRO B 138 11.99 1.23 -12.06
CA PRO B 138 11.94 0.27 -13.16
C PRO B 138 11.25 -1.02 -12.76
N THR B 139 11.50 -1.47 -11.53
CA THR B 139 10.90 -2.72 -11.03
C THR B 139 9.42 -2.60 -10.96
N LEU B 140 8.93 -1.48 -10.45
CA LEU B 140 7.50 -1.30 -10.39
C LEU B 140 6.88 -1.07 -11.78
N VAL B 141 7.63 -0.47 -12.69
CA VAL B 141 7.07 -0.21 -14.02
C VAL B 141 6.85 -1.55 -14.70
N LYS B 142 7.62 -2.58 -14.32
CA LYS B 142 7.36 -3.88 -14.95
C LYS B 142 5.93 -4.30 -14.64
N ARG B 143 5.46 -4.03 -13.42
CA ARG B 143 4.10 -4.43 -13.08
C ARG B 143 3.06 -3.54 -13.77
N GLN B 144 3.32 -2.25 -13.77
CA GLN B 144 2.41 -1.30 -14.45
C GLN B 144 2.26 -1.71 -15.92
N ALA B 145 3.38 -1.93 -16.61
CA ALA B 145 3.31 -2.31 -18.02
C ALA B 145 2.49 -3.61 -18.22
N THR B 146 2.65 -4.57 -17.32
CA THR B 146 1.93 -5.84 -17.45
C THR B 146 0.43 -5.65 -17.33
N THR B 147 0.04 -4.81 -16.38
CA THR B 147 -1.36 -4.49 -16.14
C THR B 147 -1.93 -3.74 -17.36
N ILE B 148 -1.18 -2.76 -17.86
CA ILE B 148 -1.66 -2.00 -19.01
C ILE B 148 -1.82 -2.92 -20.22
N ALA B 149 -0.80 -3.74 -20.48
CA ALA B 149 -0.84 -4.67 -21.60
C ALA B 149 -2.08 -5.56 -21.52
N LYS B 150 -2.27 -6.18 -20.37
CA LYS B 150 -3.42 -7.06 -20.18
C LYS B 150 -4.74 -6.35 -20.49
N GLU B 151 -4.93 -5.16 -19.91
CA GLU B 151 -6.16 -4.43 -20.14
C GLU B 151 -6.32 -3.96 -21.57
N LEU B 152 -5.24 -3.60 -22.24
CA LEU B 152 -5.40 -3.21 -23.63
C LEU B 152 -5.84 -4.41 -24.45
N ALA B 153 -5.31 -5.59 -24.11
CA ALA B 153 -5.68 -6.77 -24.88
C ALA B 153 -7.17 -7.14 -24.66
N GLU B 154 -7.71 -6.77 -23.49
CA GLU B 154 -9.12 -7.01 -23.19
C GLU B 154 -9.92 -6.10 -24.09
N LEU B 155 -9.46 -4.84 -24.26
CA LEU B 155 -10.16 -3.91 -25.13
C LEU B 155 -10.02 -4.18 -26.61
N ASP B 156 -8.87 -4.72 -27.01
CA ASP B 156 -8.59 -4.93 -28.42
C ASP B 156 -8.03 -6.33 -28.59
N PRO B 157 -8.86 -7.36 -28.34
CA PRO B 157 -8.54 -8.81 -28.40
C PRO B 157 -7.86 -9.26 -29.71
N ASP B 158 -8.25 -8.68 -30.83
CA ASP B 158 -7.66 -9.02 -32.11
C ASP B 158 -6.14 -8.85 -32.08
N ASN B 159 -5.64 -7.91 -31.29
CA ASN B 159 -4.20 -7.67 -31.28
C ASN B 159 -3.48 -8.15 -30.02
N ARG B 160 -4.07 -9.10 -29.29
CA ARG B 160 -3.48 -9.60 -28.08
C ARG B 160 -2.04 -10.07 -28.26
N ASP B 161 -1.75 -10.81 -29.32
CA ASP B 161 -0.38 -11.28 -29.49
C ASP B 161 0.63 -10.15 -29.64
N GLN B 162 0.21 -9.06 -30.27
CA GLN B 162 1.11 -7.95 -30.46
C GLN B 162 1.37 -7.25 -29.10
N TYR B 163 0.33 -7.07 -28.29
CA TYR B 163 0.56 -6.40 -26.99
C TYR B 163 1.50 -7.23 -26.15
N GLU B 164 1.24 -8.53 -26.13
CA GLU B 164 2.07 -9.48 -25.39
C GLU B 164 3.51 -9.43 -25.83
N ALA B 165 3.74 -9.40 -27.15
CA ALA B 165 5.12 -9.34 -27.68
C ALA B 165 5.79 -8.03 -27.30
N ASN B 166 5.06 -6.92 -27.43
CA ASN B 166 5.63 -5.63 -27.09
C ASN B 166 5.91 -5.55 -25.59
N LEU B 167 4.99 -6.07 -24.78
CA LEU B 167 5.20 -6.06 -23.33
C LEU B 167 6.48 -6.81 -23.02
N ALA B 168 6.55 -8.05 -23.52
CA ALA B 168 7.74 -8.87 -23.14
C ALA B 168 9.05 -8.18 -23.56
N ALA B 169 9.04 -7.51 -24.71
CA ALA B 169 10.23 -6.83 -25.15
C ALA B 169 10.55 -5.72 -24.16
N PHE B 170 9.53 -4.97 -23.77
CA PHE B 170 9.78 -3.89 -22.82
C PHE B 170 10.28 -4.45 -21.49
N LEU B 171 9.71 -5.57 -21.02
CA LEU B 171 10.21 -6.13 -19.76
C LEU B 171 11.70 -6.46 -19.81
N ALA B 172 12.16 -6.95 -20.97
CA ALA B 172 13.61 -7.24 -21.10
C ALA B 172 14.41 -5.95 -21.06
N GLU B 173 13.86 -4.87 -21.62
CA GLU B 173 14.57 -3.59 -21.59
C GLU B 173 14.62 -3.10 -20.15
N LEU B 174 13.54 -3.31 -19.42
CA LEU B 174 13.47 -2.85 -18.03
C LEU B 174 14.45 -3.60 -17.11
N GLU B 175 14.62 -4.89 -17.39
CA GLU B 175 15.54 -5.73 -16.65
C GLU B 175 16.96 -5.19 -16.87
N ARG B 176 17.31 -4.85 -18.11
CA ARG B 176 18.64 -4.29 -18.38
C ARG B 176 18.85 -2.91 -17.77
N LEU B 177 17.83 -2.07 -17.88
CA LEU B 177 17.93 -0.72 -17.31
C LEU B 177 18.18 -0.84 -15.79
N ASN B 178 17.43 -1.72 -15.14
CA ASN B 178 17.58 -1.87 -13.69
C ASN B 178 19.03 -2.21 -13.31
N GLN B 179 19.63 -3.13 -14.04
CA GLN B 179 21.03 -3.51 -13.78
C GLN B 179 21.96 -2.30 -14.01
N GLU B 180 21.74 -1.56 -15.10
CA GLU B 180 22.54 -0.37 -15.41
C GLU B 180 22.53 0.64 -14.27
N LEU B 181 21.34 0.97 -13.79
CA LEU B 181 21.20 1.96 -12.73
C LEU B 181 21.88 1.49 -11.44
N GLY B 182 21.67 0.21 -11.12
CA GLY B 182 22.26 -0.37 -9.94
C GLY B 182 23.77 -0.27 -10.03
N GLN B 183 24.31 -0.49 -11.22
CA GLN B 183 25.77 -0.41 -11.41
C GLN B 183 26.29 0.99 -11.12
N ILE B 184 25.54 1.98 -11.60
CA ILE B 184 25.92 3.37 -11.39
C ILE B 184 25.81 3.79 -9.92
N LEU B 185 24.78 3.33 -9.26
CA LEU B 185 24.49 3.77 -7.90
C LEU B 185 25.07 2.96 -6.75
N GLN B 186 25.44 1.73 -6.98
CA GLN B 186 25.96 0.99 -5.86
C GLN B 186 27.28 1.39 -5.22
N PRO B 187 28.27 1.85 -5.99
CA PRO B 187 29.42 2.13 -5.13
C PRO B 187 29.53 3.45 -4.39
N LEU B 188 28.51 4.29 -4.46
CA LEU B 188 28.59 5.59 -3.84
C LEU B 188 28.70 5.62 -2.34
N PRO B 189 29.73 6.32 -1.82
CA PRO B 189 29.83 6.34 -0.36
C PRO B 189 28.69 7.13 0.30
N GLN B 190 28.21 8.18 -0.37
CA GLN B 190 27.12 9.03 0.18
C GLN B 190 25.81 8.49 -0.39
N ARG B 191 24.86 8.12 0.47
CA ARG B 191 23.60 7.56 -0.02
C ARG B 191 22.44 8.56 0.03
N LYS B 192 22.68 9.69 0.68
CA LYS B 192 21.67 10.70 0.85
C LYS B 192 21.71 11.76 -0.22
N PHE B 193 20.54 12.32 -0.55
CA PHE B 193 20.52 13.45 -1.49
C PHE B 193 19.35 14.30 -1.09
N ILE B 194 19.51 15.61 -1.21
CA ILE B 194 18.44 16.52 -0.83
C ILE B 194 17.81 16.94 -2.15
N VAL B 195 16.48 16.91 -2.17
CA VAL B 195 15.72 17.27 -3.36
C VAL B 195 14.57 18.13 -2.91
N PHE B 196 14.07 19.00 -3.78
CA PHE B 196 12.97 19.83 -3.33
C PHE B 196 11.70 19.02 -3.15
N HIS B 197 11.16 18.49 -4.24
CA HIS B 197 9.91 17.75 -4.17
C HIS B 197 10.24 16.28 -4.09
N PRO B 198 9.64 15.54 -3.10
CA PRO B 198 9.94 14.12 -2.96
C PRO B 198 9.28 13.17 -3.92
N SER B 199 9.77 13.12 -5.15
N SER B 199 9.76 13.08 -5.14
CA SER B 199 9.19 12.23 -6.17
CA SER B 199 9.13 12.18 -6.09
C SER B 199 9.99 10.93 -6.27
C SER B 199 9.98 10.92 -6.25
N TRP B 200 11.09 10.84 -5.53
CA TRP B 200 12.01 9.73 -5.69
C TRP B 200 12.08 8.61 -4.67
N ALA B 201 11.07 8.47 -3.83
CA ALA B 201 11.11 7.42 -2.80
C ALA B 201 11.23 6.01 -3.36
N TYR B 202 10.49 5.65 -4.42
CA TYR B 202 10.57 4.29 -4.95
C TYR B 202 11.91 4.05 -5.62
N PHE B 203 12.38 5.03 -6.38
CA PHE B 203 13.71 4.98 -7.00
C PHE B 203 14.76 4.83 -5.89
N ALA B 204 14.65 5.65 -4.87
CA ALA B 204 15.62 5.57 -3.78
C ALA B 204 15.58 4.22 -3.06
N ARG B 205 14.38 3.67 -2.86
CA ARG B 205 14.26 2.37 -2.18
C ARG B 205 14.94 1.29 -3.02
N ASP B 206 14.73 1.35 -4.33
CA ASP B 206 15.34 0.35 -5.22
C ASP B 206 16.86 0.37 -5.24
N TYR B 207 17.48 1.55 -5.14
CA TYR B 207 18.92 1.61 -5.27
C TYR B 207 19.65 1.96 -4.01
N ASN B 208 18.95 1.79 -2.90
CA ASN B 208 19.52 2.07 -1.63
C ASN B 208 20.00 3.47 -1.42
N LEU B 209 19.15 4.45 -1.76
CA LEU B 209 19.50 5.84 -1.48
C LEU B 209 18.52 6.33 -0.47
N VAL B 210 18.79 7.50 0.09
CA VAL B 210 17.94 8.11 1.06
C VAL B 210 17.57 9.50 0.55
N GLN B 211 16.31 9.69 0.19
CA GLN B 211 15.84 10.98 -0.26
C GLN B 211 15.55 11.90 0.95
N ILE B 212 16.09 13.11 0.95
CA ILE B 212 15.80 14.08 2.02
C ILE B 212 15.05 15.21 1.34
N PRO B 213 13.75 15.31 1.57
CA PRO B 213 12.99 16.38 0.90
C PRO B 213 13.03 17.73 1.57
N ILE B 214 12.95 18.77 0.76
CA ILE B 214 12.95 20.12 1.27
C ILE B 214 11.49 20.55 1.47
N GLU B 215 10.62 20.24 0.52
CA GLU B 215 9.23 20.71 0.67
C GLU B 215 8.54 19.92 1.76
N VAL B 216 7.70 20.59 2.54
CA VAL B 216 7.01 19.89 3.62
C VAL B 216 5.51 19.95 3.36
N GLU B 217 4.87 18.78 3.35
CA GLU B 217 3.44 18.73 3.10
C GLU B 217 3.07 19.63 1.94
N GLY B 218 3.62 19.31 0.79
CA GLY B 218 3.35 20.08 -0.42
C GLY B 218 3.64 21.55 -0.28
N GLN B 219 4.43 21.90 0.73
CA GLN B 219 4.73 23.31 0.89
C GLN B 219 6.18 23.65 1.22
N GLU B 220 6.49 24.88 0.87
CA GLU B 220 7.78 25.52 1.07
C GLU B 220 8.12 25.43 2.56
N PRO B 221 9.39 25.16 2.90
CA PRO B 221 9.76 25.09 4.33
C PRO B 221 9.81 26.48 5.00
N SER B 222 9.61 26.51 6.31
CA SER B 222 9.66 27.76 7.07
C SER B 222 11.15 28.10 7.21
N ALA B 223 11.44 29.32 7.66
CA ALA B 223 12.83 29.76 7.86
C ALA B 223 13.56 28.76 8.76
N GLN B 224 12.89 28.33 9.81
CA GLN B 224 13.47 27.40 10.78
C GLN B 224 13.65 25.99 10.24
N GLU B 225 12.77 25.58 9.34
CA GLU B 225 12.90 24.25 8.76
C GLU B 225 14.08 24.30 7.81
N LEU B 226 14.18 25.40 7.07
CA LEU B 226 15.26 25.54 6.12
C LEU B 226 16.60 25.44 6.82
N LYS B 227 16.72 26.12 7.96
CA LYS B 227 17.96 26.14 8.74
C LYS B 227 18.36 24.76 9.15
N GLN B 228 17.36 23.96 9.51
CA GLN B 228 17.60 22.60 9.91
C GLN B 228 18.09 21.79 8.69
N LEU B 229 17.57 22.14 7.52
CA LEU B 229 17.98 21.45 6.30
C LEU B 229 19.46 21.80 5.99
N ILE B 230 19.81 23.06 6.17
CA ILE B 230 21.19 23.47 5.91
C ILE B 230 22.16 22.73 6.84
N ASP B 231 21.79 22.59 8.11
CA ASP B 231 22.66 21.89 9.06
C ASP B 231 22.87 20.47 8.58
N THR B 232 21.77 19.82 8.20
CA THR B 232 21.83 18.45 7.72
C THR B 232 22.74 18.33 6.52
N ALA B 233 22.64 19.30 5.62
CA ALA B 233 23.49 19.29 4.44
C ALA B 233 24.96 19.47 4.83
N LYS B 234 25.23 20.36 5.78
CA LYS B 234 26.61 20.53 6.21
C LYS B 234 27.13 19.28 6.95
N GLU B 235 26.36 18.79 7.93
CA GLU B 235 26.82 17.61 8.65
C GLU B 235 27.09 16.45 7.70
N ASN B 236 26.29 16.31 6.63
CA ASN B 236 26.51 15.23 5.70
C ASN B 236 27.44 15.59 4.54
N ASN B 237 28.01 16.79 4.57
CA ASN B 237 28.91 17.18 3.49
C ASN B 237 28.29 17.00 2.11
N LEU B 238 27.02 17.38 1.96
CA LEU B 238 26.44 17.24 0.63
C LEU B 238 27.10 18.29 -0.25
N THR B 239 27.27 17.93 -1.51
CA THR B 239 27.95 18.73 -2.48
C THR B 239 27.03 19.41 -3.53
N MET B 240 25.79 18.94 -3.59
CA MET B 240 24.81 19.47 -4.56
C MET B 240 23.44 19.45 -3.92
N VAL B 241 22.55 20.29 -4.40
CA VAL B 241 21.19 20.30 -3.89
C VAL B 241 20.33 20.13 -5.15
N PHE B 242 19.35 19.23 -5.13
CA PHE B 242 18.57 19.03 -6.35
C PHE B 242 17.26 19.74 -6.31
N GLY B 243 16.81 20.21 -7.46
CA GLY B 243 15.53 20.87 -7.54
C GLY B 243 14.86 20.20 -8.70
N GLU B 244 13.61 20.59 -8.95
CA GLU B 244 12.84 20.03 -10.04
C GLU B 244 12.29 21.19 -10.83
N THR B 245 12.18 20.95 -12.13
CA THR B 245 11.70 21.89 -13.15
C THR B 245 10.36 22.50 -12.80
N GLN B 246 9.46 21.62 -12.33
CA GLN B 246 8.08 21.95 -12.01
C GLN B 246 7.86 22.79 -10.79
N PHE B 247 8.90 22.99 -9.99
CA PHE B 247 8.68 23.77 -8.77
C PHE B 247 9.78 24.81 -8.63
N SER B 248 9.53 25.81 -7.79
CA SER B 248 10.55 26.83 -7.56
C SER B 248 11.85 26.18 -7.01
N THR B 249 13.02 26.67 -7.44
CA THR B 249 14.30 26.15 -6.94
C THR B 249 14.85 27.12 -5.89
N LYS B 250 14.08 28.14 -5.56
CA LYS B 250 14.61 29.12 -4.62
C LYS B 250 15.05 28.63 -3.26
N SER B 251 14.35 27.68 -2.65
CA SER B 251 14.88 27.23 -1.35
C SER B 251 16.05 26.27 -1.57
N SER B 252 16.10 25.62 -2.73
CA SER B 252 17.21 24.77 -3.04
C SER B 252 18.43 25.69 -3.18
N GLU B 253 18.24 26.81 -3.90
CA GLU B 253 19.34 27.75 -4.07
C GLU B 253 19.80 28.36 -2.74
N ALA B 254 18.87 28.54 -1.81
CA ALA B 254 19.19 29.15 -0.52
C ALA B 254 20.08 28.21 0.25
N ILE B 255 19.78 26.92 0.18
CA ILE B 255 20.60 25.96 0.89
C ILE B 255 21.98 25.91 0.24
N ALA B 256 21.99 25.80 -1.08
CA ALA B 256 23.24 25.70 -1.83
C ALA B 256 24.20 26.84 -1.55
N ALA B 257 23.65 28.02 -1.32
CA ALA B 257 24.47 29.22 -1.13
C ALA B 257 25.32 29.17 0.14
N GLU B 258 24.81 28.51 1.18
CA GLU B 258 25.60 28.42 2.41
C GLU B 258 26.67 27.36 2.33
N ILE B 259 26.43 26.31 1.56
CA ILE B 259 27.36 25.21 1.54
C ILE B 259 28.25 25.08 0.35
N GLY B 260 28.23 26.08 -0.54
CA GLY B 260 29.08 25.98 -1.71
C GLY B 260 28.64 24.82 -2.60
N ALA B 261 27.34 24.69 -2.83
CA ALA B 261 26.88 23.60 -3.67
C ALA B 261 26.29 24.11 -5.00
N GLY B 262 26.23 23.20 -5.98
CA GLY B 262 25.61 23.55 -7.23
C GLY B 262 24.17 23.13 -7.07
N VAL B 263 23.28 23.71 -7.85
CA VAL B 263 21.89 23.33 -7.84
C VAL B 263 21.69 22.62 -9.16
N GLU B 264 21.22 21.38 -9.09
CA GLU B 264 20.99 20.55 -10.28
C GLU B 264 19.53 20.24 -10.39
N LEU B 265 19.07 20.05 -11.61
CA LEU B 265 17.65 19.77 -11.85
C LEU B 265 17.39 18.29 -12.15
N LEU B 266 16.37 17.73 -11.49
CA LEU B 266 15.92 16.37 -11.78
C LEU B 266 14.50 16.54 -12.34
N ASP B 267 14.16 15.77 -13.34
CA ASP B 267 12.83 15.95 -13.90
C ASP B 267 12.07 14.66 -13.74
N PRO B 268 11.12 14.60 -12.80
CA PRO B 268 10.36 13.36 -12.59
C PRO B 268 9.36 13.14 -13.70
N LEU B 269 9.08 14.20 -14.48
CA LEU B 269 8.08 14.09 -15.53
C LEU B 269 8.60 14.00 -16.97
N ALA B 270 9.90 13.77 -17.14
CA ALA B 270 10.46 13.60 -18.49
C ALA B 270 9.75 12.49 -19.26
N ALA B 271 9.41 12.76 -20.53
CA ALA B 271 8.76 11.76 -21.36
C ALA B 271 9.78 10.78 -21.90
N ASP B 272 11.02 11.23 -22.02
CA ASP B 272 12.09 10.37 -22.53
C ASP B 272 12.57 9.63 -21.28
N TRP B 273 11.68 8.75 -20.82
CA TRP B 273 11.82 8.09 -19.53
C TRP B 273 13.10 7.36 -19.20
N SER B 274 13.50 6.47 -20.08
CA SER B 274 14.68 5.67 -19.83
C SER B 274 15.96 6.51 -19.81
N SER B 275 16.18 7.37 -20.81
CA SER B 275 17.42 8.11 -20.75
C SER B 275 17.38 9.11 -19.61
N ASN B 276 16.18 9.65 -19.29
CA ASN B 276 16.15 10.59 -18.16
C ASN B 276 16.56 9.89 -16.87
N LEU B 277 16.11 8.64 -16.65
CA LEU B 277 16.50 7.98 -15.40
C LEU B 277 17.98 7.78 -15.35
N LYS B 278 18.58 7.40 -16.49
CA LYS B 278 20.03 7.25 -16.49
C LYS B 278 20.71 8.60 -16.16
N ALA B 279 20.19 9.71 -16.72
CA ALA B 279 20.80 11.03 -16.43
C ALA B 279 20.65 11.36 -14.95
N VAL B 280 19.49 11.01 -14.39
CA VAL B 280 19.28 11.27 -12.95
C VAL B 280 20.34 10.44 -12.14
N ALA B 281 20.50 9.16 -12.47
CA ALA B 281 21.50 8.35 -11.73
C ALA B 281 22.90 8.98 -11.82
N GLN B 282 23.31 9.41 -13.03
CA GLN B 282 24.64 10.04 -13.19
C GLN B 282 24.78 11.30 -12.39
N LYS B 283 23.73 12.12 -12.34
CA LYS B 283 23.86 13.37 -11.57
C LYS B 283 24.05 13.10 -10.08
N ILE B 284 23.29 12.14 -9.57
CA ILE B 284 23.42 11.74 -8.17
C ILE B 284 24.80 11.09 -7.97
N ALA B 285 25.23 10.26 -8.93
CA ALA B 285 26.56 9.61 -8.78
C ALA B 285 27.65 10.70 -8.73
N ASN B 286 27.55 11.75 -9.56
CA ASN B 286 28.54 12.82 -9.50
C ASN B 286 28.50 13.48 -8.16
N ALA B 287 27.32 13.82 -7.68
CA ALA B 287 27.24 14.48 -6.39
C ALA B 287 27.68 13.63 -5.18
N ASN B 288 27.37 12.35 -5.23
CA ASN B 288 27.60 11.45 -4.10
C ASN B 288 28.87 10.63 -4.13
N SER B 289 29.77 10.95 -5.05
CA SER B 289 31.05 10.26 -5.17
C SER B 289 32.05 10.97 -4.23
#